data_6TVN
#
_entry.id   6TVN
#
_cell.length_a   67.775
_cell.length_b   65.400
_cell.length_c   79.752
_cell.angle_alpha   90.000
_cell.angle_beta   101.340
_cell.angle_gamma   90.000
#
_symmetry.space_group_name_H-M   'P 1 21 1'
#
loop_
_entity.id
_entity.type
_entity.pdbx_description
1 polymer 'Tyrosine-protein kinase BTK'
2 non-polymer 5-bromanyl-1,3-dihydroindol-2-one
3 non-polymer 'ZINC ION'
4 non-polymer 'MAGNESIUM ION'
5 water water
#
_entity_poly.entity_id   1
_entity_poly.type   'polypeptide(L)'
_entity_poly.pdbx_seq_one_letter_code
;AAVILESIFLKRSQQKKKTSPLNFKKRLFLLTVHKLSYYEYDFERGRRGSKKGSIDVEKITCVETVVPEKNPPPERQIPR
RGEESSEMEQISIIERFPYPFQVVYDEGPLYVFSPTEELRKRWIHQLKNVIRYNSDLVQKYHPAFWIDGQYLCCSQTAKN
AMGCQILEN
;
_entity_poly.pdbx_strand_id   A,B,C,D
#
# COMPACT_ATOMS: atom_id res chain seq x y z
N ALA A 1 -7.48 -3.88 -26.96
CA ALA A 1 -7.95 -3.26 -28.21
C ALA A 1 -7.92 -1.73 -28.11
N ALA A 2 -8.67 -1.04 -29.01
CA ALA A 2 -8.72 0.42 -29.04
C ALA A 2 -9.34 0.98 -27.77
N VAL A 3 -8.62 1.87 -27.04
CA VAL A 3 -9.09 2.50 -25.80
C VAL A 3 -10.11 3.58 -26.12
N ILE A 4 -11.35 3.43 -25.64
CA ILE A 4 -12.44 4.41 -25.83
C ILE A 4 -12.30 5.50 -24.74
N LEU A 5 -12.13 5.07 -23.49
CA LEU A 5 -12.02 5.97 -22.34
C LEU A 5 -11.02 5.46 -21.32
N GLU A 6 -10.36 6.40 -20.66
CA GLU A 6 -9.36 6.15 -19.62
C GLU A 6 -9.57 7.20 -18.54
N SER A 7 -9.89 6.77 -17.29
CA SER A 7 -10.18 7.71 -16.21
C SER A 7 -9.77 7.21 -14.84
N ILE A 8 -9.60 8.15 -13.89
CA ILE A 8 -9.33 7.83 -12.49
C ILE A 8 -10.64 7.99 -11.73
N PHE A 9 -11.09 6.91 -11.13
CA PHE A 9 -12.38 6.89 -10.41
C PHE A 9 -12.19 6.31 -9.02
N LEU A 10 -13.18 6.51 -8.16
CA LEU A 10 -13.22 5.84 -6.87
C LEU A 10 -14.23 4.71 -7.05
N LYS A 11 -13.85 3.52 -6.65
CA LYS A 11 -14.76 2.39 -6.82
C LYS A 11 -15.07 1.77 -5.46
N ARG A 12 -16.30 1.24 -5.30
CA ARG A 12 -16.68 0.54 -4.07
C ARG A 12 -16.28 -0.91 -4.29
N SER A 13 -15.49 -1.44 -3.39
CA SER A 13 -15.03 -2.82 -3.53
C SER A 13 -16.13 -3.84 -3.31
N GLN A 14 -15.96 -5.01 -3.96
CA GLN A 14 -16.85 -6.15 -3.78
C GLN A 14 -16.41 -6.74 -2.42
N GLN A 15 -17.35 -7.10 -1.55
CA GLN A 15 -17.00 -7.59 -0.20
C GLN A 15 -16.98 -9.12 -0.05
N LYS A 16 -16.37 -9.58 1.09
CA LYS A 16 -16.24 -10.97 1.54
C LYS A 16 -17.64 -11.51 1.88
N LYS A 17 -18.43 -10.67 2.59
CA LYS A 17 -19.81 -10.88 3.01
C LYS A 17 -20.56 -9.54 2.92
N LYS A 18 -21.89 -9.59 2.65
CA LYS A 18 -22.77 -8.41 2.51
C LYS A 18 -22.89 -7.55 3.78
N THR A 19 -22.59 -8.15 4.96
CA THR A 19 -22.60 -7.53 6.28
C THR A 19 -21.35 -6.65 6.47
N SER A 20 -20.17 -7.13 5.96
CA SER A 20 -18.82 -6.51 5.97
C SER A 20 -18.83 -5.00 5.67
N PRO A 21 -18.01 -4.16 6.36
CA PRO A 21 -18.04 -2.72 6.07
C PRO A 21 -17.35 -2.31 4.76
N LEU A 22 -17.97 -1.36 4.03
CA LEU A 22 -17.52 -0.81 2.75
C LEU A 22 -16.09 -0.27 2.77
N ASN A 23 -15.42 -0.48 1.64
CA ASN A 23 -14.07 -0.10 1.27
C ASN A 23 -14.13 0.55 -0.15
N PHE A 24 -13.52 1.73 -0.30
CA PHE A 24 -13.45 2.49 -1.54
C PHE A 24 -11.99 2.60 -1.98
N LYS A 25 -11.71 2.30 -3.25
CA LYS A 25 -10.36 2.30 -3.80
C LYS A 25 -10.29 3.19 -5.03
N LYS A 26 -9.22 4.00 -5.09
CA LYS A 26 -8.94 4.92 -6.20
C LYS A 26 -8.22 4.10 -7.25
N ARG A 27 -8.82 3.99 -8.45
CA ARG A 27 -8.26 3.17 -9.53
C ARG A 27 -8.37 3.83 -10.89
N LEU A 28 -7.52 3.41 -11.80
CA LEU A 28 -7.67 3.87 -13.16
C LEU A 28 -8.59 2.84 -13.87
N PHE A 29 -9.61 3.30 -14.64
CA PHE A 29 -10.53 2.47 -15.41
C PHE A 29 -10.27 2.66 -16.93
N LEU A 30 -10.30 1.55 -17.67
CA LEU A 30 -10.11 1.54 -19.10
C LEU A 30 -11.32 0.93 -19.77
N LEU A 31 -11.84 1.58 -20.80
CA LEU A 31 -12.95 1.02 -21.55
C LEU A 31 -12.49 0.73 -23.00
N THR A 32 -12.74 -0.48 -23.46
CA THR A 32 -12.53 -0.95 -24.84
C THR A 32 -13.87 -1.57 -25.22
N VAL A 33 -14.07 -1.95 -26.51
CA VAL A 33 -15.30 -2.59 -26.97
C VAL A 33 -15.48 -3.99 -26.33
N HIS A 34 -14.37 -4.63 -25.90
CA HIS A 34 -14.32 -5.96 -25.27
C HIS A 34 -14.32 -5.99 -23.74
N LYS A 35 -13.67 -5.01 -23.09
CA LYS A 35 -13.54 -5.00 -21.63
C LYS A 35 -13.61 -3.65 -20.93
N LEU A 36 -14.08 -3.70 -19.70
CA LEU A 36 -14.05 -2.63 -18.73
C LEU A 36 -13.04 -3.13 -17.74
N SER A 37 -11.83 -2.53 -17.73
CA SER A 37 -10.76 -3.00 -16.84
C SER A 37 -10.34 -1.92 -15.84
N TYR A 38 -9.66 -2.33 -14.79
CA TYR A 38 -9.24 -1.41 -13.77
C TYR A 38 -7.87 -1.76 -13.26
N TYR A 39 -7.12 -0.72 -12.82
CA TYR A 39 -5.72 -0.82 -12.46
C TYR A 39 -5.40 0.03 -11.25
N GLU A 40 -4.33 -0.36 -10.57
CA GLU A 40 -3.67 0.41 -9.53
C GLU A 40 -2.90 1.45 -10.37
N TYR A 41 -3.17 2.74 -10.20
CA TYR A 41 -2.53 3.76 -11.01
C TYR A 41 -1.14 4.06 -10.48
N ASP A 42 -0.16 4.19 -11.39
CA ASP A 42 1.19 4.61 -11.01
C ASP A 42 1.24 6.12 -11.21
N PHE A 43 1.03 6.87 -10.10
CA PHE A 43 1.05 8.32 -10.06
C PHE A 43 2.39 8.91 -10.39
N GLU A 44 3.45 8.48 -9.70
CA GLU A 44 4.78 9.04 -9.89
C GLU A 44 5.26 9.01 -11.34
N ARG A 45 5.15 7.86 -11.98
CA ARG A 45 5.63 7.72 -13.35
C ARG A 45 4.61 8.09 -14.38
N GLY A 46 3.34 8.30 -13.97
CA GLY A 46 2.28 8.72 -14.87
C GLY A 46 1.84 7.61 -15.81
N ARG A 47 1.63 6.40 -15.25
CA ARG A 47 1.25 5.28 -16.06
C ARG A 47 0.27 4.36 -15.39
N ARG A 48 -0.34 3.42 -16.15
CA ARG A 48 -1.26 2.42 -15.54
C ARG A 48 -0.31 1.46 -14.85
N GLY A 49 -0.63 1.07 -13.65
CA GLY A 49 0.20 0.14 -12.93
C GLY A 49 -0.29 -1.25 -13.21
N SER A 50 -0.41 -2.05 -12.16
CA SER A 50 -0.87 -3.43 -12.24
C SER A 50 -2.37 -3.52 -12.51
N LYS A 51 -2.77 -4.43 -13.44
CA LYS A 51 -4.16 -4.70 -13.73
C LYS A 51 -4.70 -5.39 -12.49
N LYS A 52 -5.85 -4.92 -11.99
CA LYS A 52 -6.46 -5.50 -10.81
C LYS A 52 -7.62 -6.41 -11.21
N GLY A 53 -8.26 -6.10 -12.32
CA GLY A 53 -9.40 -6.87 -12.76
C GLY A 53 -10.11 -6.30 -13.96
N SER A 54 -11.16 -7.02 -14.40
CA SER A 54 -11.90 -6.67 -15.60
C SER A 54 -13.33 -7.27 -15.60
N ILE A 55 -14.22 -6.67 -16.40
CA ILE A 55 -15.59 -7.12 -16.67
C ILE A 55 -15.68 -7.18 -18.19
N ASP A 56 -16.09 -8.34 -18.73
CA ASP A 56 -16.28 -8.49 -20.16
C ASP A 56 -17.50 -7.70 -20.54
N VAL A 57 -17.36 -6.82 -21.52
CA VAL A 57 -18.43 -5.94 -21.99
C VAL A 57 -19.74 -6.72 -22.30
N GLU A 58 -19.61 -7.96 -22.82
CA GLU A 58 -20.74 -8.85 -23.17
C GLU A 58 -21.59 -9.25 -21.94
N LYS A 59 -20.96 -9.30 -20.73
CA LYS A 59 -21.61 -9.63 -19.46
C LYS A 59 -22.43 -8.47 -18.85
N ILE A 60 -22.28 -7.24 -19.38
CA ILE A 60 -22.97 -6.04 -18.84
C ILE A 60 -24.39 -5.98 -19.34
N THR A 61 -25.35 -5.91 -18.39
CA THR A 61 -26.78 -5.84 -18.63
C THR A 61 -27.34 -4.41 -18.59
N CYS A 62 -26.66 -3.51 -17.85
CA CYS A 62 -27.16 -2.16 -17.59
C CYS A 62 -26.04 -1.24 -17.11
N VAL A 63 -26.17 0.06 -17.44
CA VAL A 63 -25.29 1.15 -17.04
C VAL A 63 -26.17 2.36 -16.82
N GLU A 64 -26.16 2.89 -15.60
CA GLU A 64 -26.96 4.05 -15.24
C GLU A 64 -26.29 4.84 -14.12
N THR A 65 -26.88 6.00 -13.78
CA THR A 65 -26.48 6.80 -12.64
C THR A 65 -27.04 6.08 -11.40
N VAL A 66 -26.64 6.53 -10.22
CA VAL A 66 -27.11 5.99 -8.95
C VAL A 66 -27.41 7.21 -8.16
N VAL A 67 -28.52 7.17 -7.39
CA VAL A 67 -28.98 8.23 -6.48
C VAL A 67 -27.84 8.42 -5.47
N PRO A 68 -27.28 9.64 -5.29
CA PRO A 68 -26.11 9.77 -4.38
C PRO A 68 -26.38 9.48 -2.90
N GLU A 69 -25.31 9.17 -2.15
CA GLU A 69 -25.38 8.90 -0.72
C GLU A 69 -26.00 10.11 -0.01
N LYS A 70 -26.77 9.84 1.04
CA LYS A 70 -27.46 10.88 1.81
C LYS A 70 -26.44 11.83 2.42
N ASN A 71 -25.43 11.26 3.12
CA ASN A 71 -24.35 12.02 3.70
C ASN A 71 -22.97 11.39 3.40
N PRO A 72 -22.39 11.73 2.22
CA PRO A 72 -21.09 11.16 1.87
C PRO A 72 -19.92 11.75 2.66
N PRO A 73 -18.80 11.00 2.85
CA PRO A 73 -17.61 11.60 3.47
C PRO A 73 -16.99 12.66 2.52
N PRO A 74 -15.98 13.50 2.96
CA PRO A 74 -15.44 14.56 2.06
C PRO A 74 -14.96 14.09 0.68
N GLU A 75 -14.36 12.90 0.60
CA GLU A 75 -13.86 12.25 -0.64
C GLU A 75 -14.97 12.07 -1.69
N ARG A 76 -16.25 11.97 -1.26
CA ARG A 76 -17.34 11.83 -2.21
C ARG A 76 -18.34 12.98 -2.11
N GLN A 77 -17.87 14.19 -1.73
CA GLN A 77 -18.67 15.41 -1.60
C GLN A 77 -18.36 16.42 -2.71
N ILE A 78 -19.36 17.19 -3.16
CA ILE A 78 -19.22 18.18 -4.24
C ILE A 78 -18.25 19.32 -3.84
N PRO A 79 -17.18 19.52 -4.65
CA PRO A 79 -16.17 20.57 -4.30
C PRO A 79 -16.72 21.99 -4.18
N GLU A 87 -11.46 23.35 -3.77
CA GLU A 87 -11.67 23.70 -5.17
C GLU A 87 -10.42 24.35 -5.84
N MET A 88 -9.73 23.54 -6.65
CA MET A 88 -8.59 23.81 -7.53
C MET A 88 -8.64 22.62 -8.47
N GLU A 89 -9.14 22.82 -9.70
CA GLU A 89 -9.49 21.86 -10.77
C GLU A 89 -8.57 20.62 -10.94
N GLN A 90 -7.26 20.76 -11.12
CA GLN A 90 -6.33 19.60 -11.26
C GLN A 90 -6.40 18.69 -10.02
N ILE A 91 -6.48 19.32 -8.83
CA ILE A 91 -6.50 18.62 -7.56
C ILE A 91 -7.83 17.90 -7.30
N SER A 92 -8.95 18.65 -7.41
CA SER A 92 -10.27 18.11 -7.13
C SER A 92 -10.68 16.99 -8.07
N ILE A 93 -10.17 16.99 -9.31
CA ILE A 93 -10.50 15.95 -10.29
C ILE A 93 -9.82 14.60 -9.94
N ILE A 94 -8.91 14.58 -8.95
CA ILE A 94 -8.25 13.36 -8.47
C ILE A 94 -8.47 13.14 -6.98
N GLU A 95 -9.17 14.06 -6.28
CA GLU A 95 -9.40 13.93 -4.85
C GLU A 95 -10.85 13.77 -4.45
N ARG A 96 -11.77 14.37 -5.21
CA ARG A 96 -13.23 14.34 -4.95
C ARG A 96 -13.97 13.56 -6.03
N PHE A 97 -14.79 12.59 -5.61
CA PHE A 97 -15.51 11.70 -6.50
C PHE A 97 -17.00 11.67 -6.10
N PRO A 98 -17.74 12.75 -6.36
CA PRO A 98 -19.16 12.82 -5.91
C PRO A 98 -20.23 12.21 -6.81
N TYR A 99 -19.90 11.75 -8.02
CA TYR A 99 -20.93 11.33 -8.98
C TYR A 99 -20.94 9.85 -9.27
N PRO A 100 -21.83 9.10 -8.63
CA PRO A 100 -21.81 7.65 -8.84
C PRO A 100 -22.59 7.16 -10.03
N PHE A 101 -22.10 6.07 -10.60
CA PHE A 101 -22.79 5.38 -11.65
C PHE A 101 -22.60 3.90 -11.38
N GLN A 102 -23.48 3.08 -11.95
CA GLN A 102 -23.46 1.64 -11.74
C GLN A 102 -23.26 0.89 -13.06
N VAL A 103 -22.51 -0.18 -12.96
CA VAL A 103 -22.26 -1.10 -14.07
C VAL A 103 -22.86 -2.42 -13.58
N VAL A 104 -23.96 -2.83 -14.15
CA VAL A 104 -24.69 -4.01 -13.70
C VAL A 104 -24.30 -5.20 -14.57
N TYR A 105 -23.90 -6.30 -13.94
CA TYR A 105 -23.47 -7.47 -14.67
C TYR A 105 -23.90 -8.77 -13.96
N ASP A 106 -23.24 -9.88 -14.27
CA ASP A 106 -23.40 -11.24 -13.75
C ASP A 106 -23.35 -11.24 -12.20
N GLU A 107 -22.22 -10.76 -11.64
CA GLU A 107 -21.97 -10.69 -10.20
C GLU A 107 -22.46 -9.35 -9.57
N GLY A 108 -23.73 -9.01 -9.81
CA GLY A 108 -24.40 -7.82 -9.29
C GLY A 108 -23.87 -6.49 -9.78
N PRO A 109 -24.20 -5.36 -9.10
CA PRO A 109 -23.71 -4.06 -9.58
C PRO A 109 -22.34 -3.63 -9.07
N LEU A 110 -21.55 -3.01 -9.97
CA LEU A 110 -20.29 -2.38 -9.66
C LEU A 110 -20.59 -0.88 -9.48
N TYR A 111 -20.19 -0.29 -8.33
CA TYR A 111 -20.37 1.14 -8.08
C TYR A 111 -19.10 1.93 -8.27
N VAL A 112 -19.17 2.91 -9.17
CA VAL A 112 -18.03 3.75 -9.56
C VAL A 112 -18.40 5.23 -9.34
N PHE A 113 -17.45 6.03 -8.82
CA PHE A 113 -17.60 7.46 -8.50
C PHE A 113 -16.70 8.34 -9.36
N SER A 114 -17.35 9.15 -10.19
CA SER A 114 -16.73 10.10 -11.08
C SER A 114 -16.44 11.42 -10.39
N PRO A 115 -15.28 12.06 -10.70
CA PRO A 115 -15.00 13.37 -10.11
C PRO A 115 -15.94 14.47 -10.62
N THR A 116 -16.49 14.32 -11.85
CA THR A 116 -17.38 15.32 -12.44
C THR A 116 -18.62 14.70 -13.05
N GLU A 117 -19.68 15.52 -13.22
CA GLU A 117 -20.95 15.14 -13.87
C GLU A 117 -20.72 14.86 -15.35
N GLU A 118 -19.89 15.69 -16.00
CA GLU A 118 -19.50 15.61 -17.43
C GLU A 118 -18.82 14.30 -17.75
N LEU A 119 -17.90 13.84 -16.88
CA LEU A 119 -17.17 12.59 -17.08
C LEU A 119 -18.07 11.40 -16.89
N ARG A 120 -18.99 11.47 -15.93
CA ARG A 120 -19.95 10.39 -15.68
C ARG A 120 -20.85 10.23 -16.91
N LYS A 121 -21.34 11.37 -17.44
CA LYS A 121 -22.18 11.42 -18.64
C LYS A 121 -21.40 10.79 -19.81
N ARG A 122 -20.10 11.14 -20.01
CA ARG A 122 -19.28 10.55 -21.09
C ARG A 122 -19.17 9.04 -20.92
N TRP A 123 -18.92 8.58 -19.70
CA TRP A 123 -18.78 7.14 -19.40
C TRP A 123 -20.06 6.36 -19.62
N ILE A 124 -21.20 6.88 -19.15
CA ILE A 124 -22.52 6.26 -19.33
C ILE A 124 -22.85 6.15 -20.86
N HIS A 125 -22.69 7.28 -21.60
N HIS A 125 -22.69 7.27 -21.61
CA HIS A 125 -22.94 7.41 -23.05
CA HIS A 125 -22.95 7.36 -23.05
C HIS A 125 -22.14 6.36 -23.83
C HIS A 125 -22.14 6.31 -23.82
N GLN A 126 -20.82 6.25 -23.56
CA GLN A 126 -19.94 5.29 -24.21
C GLN A 126 -20.21 3.87 -23.78
N LEU A 127 -20.49 3.66 -22.48
CA LEU A 127 -20.78 2.29 -22.01
C LEU A 127 -22.07 1.74 -22.60
N LYS A 128 -23.09 2.59 -22.75
CA LYS A 128 -24.39 2.22 -23.36
C LYS A 128 -24.19 1.82 -24.81
N ASN A 129 -23.32 2.54 -25.55
CA ASN A 129 -23.00 2.22 -26.94
C ASN A 129 -22.23 0.90 -27.13
N VAL A 130 -21.27 0.58 -26.25
CA VAL A 130 -20.50 -0.68 -26.36
C VAL A 130 -21.31 -1.90 -25.94
N ILE A 131 -22.42 -1.69 -25.20
CA ILE A 131 -23.25 -2.80 -24.75
C ILE A 131 -24.50 -2.98 -25.67
N ARG A 132 -24.60 -2.16 -26.71
CA ARG A 132 -25.82 -2.04 -27.56
C ARG A 132 -26.32 -3.39 -28.12
N TYR A 133 -25.40 -4.24 -28.57
CA TYR A 133 -25.68 -5.56 -29.15
C TYR A 133 -25.70 -6.70 -28.16
N ASN A 134 -25.66 -6.43 -26.84
CA ASN A 134 -25.70 -7.48 -25.81
C ASN A 134 -27.06 -8.16 -25.75
N SER A 135 -27.08 -9.39 -25.25
CA SER A 135 -28.31 -10.18 -25.16
C SER A 135 -29.16 -9.90 -23.93
N ASP A 136 -28.56 -10.05 -22.72
CA ASP A 136 -29.20 -9.91 -21.41
C ASP A 136 -29.51 -8.47 -20.96
N LEU A 137 -29.53 -7.48 -21.89
CA LEU A 137 -29.83 -6.08 -21.58
C LEU A 137 -31.20 -5.95 -20.92
N VAL A 138 -31.20 -5.57 -19.64
CA VAL A 138 -32.41 -5.38 -18.84
C VAL A 138 -33.08 -4.04 -19.16
N GLN A 139 -34.39 -3.94 -18.94
CA GLN A 139 -35.18 -2.72 -19.18
C GLN A 139 -35.56 -2.04 -17.87
N LYS A 140 -35.17 -2.67 -16.75
CA LYS A 140 -35.43 -2.20 -15.38
C LYS A 140 -34.11 -2.14 -14.60
N TYR A 141 -34.07 -1.25 -13.61
CA TYR A 141 -32.86 -1.09 -12.78
C TYR A 141 -33.20 -0.54 -11.41
N HIS A 142 -32.22 -0.62 -10.52
CA HIS A 142 -32.31 -0.12 -9.13
C HIS A 142 -31.61 1.23 -9.08
N PRO A 143 -32.33 2.36 -8.95
CA PRO A 143 -31.72 3.68 -8.90
C PRO A 143 -30.84 3.96 -7.67
N ALA A 144 -31.01 3.20 -6.59
CA ALA A 144 -30.22 3.45 -5.37
C ALA A 144 -29.22 2.32 -5.16
N PHE A 145 -28.31 2.48 -4.21
CA PHE A 145 -27.28 1.45 -3.96
C PHE A 145 -27.78 0.26 -3.16
N TRP A 146 -27.20 -0.88 -3.47
CA TRP A 146 -27.37 -2.05 -2.69
C TRP A 146 -26.41 -1.72 -1.52
N ILE A 147 -26.90 -1.73 -0.29
CA ILE A 147 -26.08 -1.44 0.88
C ILE A 147 -26.62 -2.20 2.08
N ASP A 148 -25.72 -2.92 2.81
CA ASP A 148 -26.02 -3.71 4.01
C ASP A 148 -27.19 -4.70 3.78
N GLY A 149 -26.98 -5.61 2.83
CA GLY A 149 -27.91 -6.68 2.49
C GLY A 149 -29.18 -6.32 1.75
N GLN A 150 -29.30 -5.09 1.25
CA GLN A 150 -30.55 -4.73 0.52
C GLN A 150 -30.37 -3.47 -0.34
N TYR A 151 -31.20 -3.32 -1.38
CA TYR A 151 -31.22 -2.11 -2.23
C TYR A 151 -32.01 -1.06 -1.47
N LEU A 152 -31.62 0.19 -1.52
CA LEU A 152 -32.33 1.24 -0.75
C LEU A 152 -33.58 1.68 -1.48
N CYS A 153 -33.70 1.39 -2.76
CA CYS A 153 -34.86 1.96 -3.48
C CYS A 153 -36.11 1.08 -3.35
N CYS A 154 -35.95 -0.21 -3.17
CA CYS A 154 -37.11 -1.11 -3.17
C CYS A 154 -37.02 -2.14 -2.05
N SER A 155 -35.93 -2.12 -1.27
CA SER A 155 -35.67 -3.02 -0.11
C SER A 155 -35.44 -4.48 -0.50
N GLN A 156 -35.24 -4.80 -1.78
CA GLN A 156 -35.03 -6.20 -2.22
C GLN A 156 -33.68 -6.67 -1.70
N THR A 157 -33.64 -7.87 -1.15
CA THR A 157 -32.46 -8.45 -0.51
C THR A 157 -31.67 -9.47 -1.35
N ALA A 158 -31.70 -9.32 -2.69
CA ALA A 158 -30.89 -10.14 -3.59
C ALA A 158 -30.22 -9.20 -4.57
N LYS A 159 -28.87 -9.27 -4.70
CA LYS A 159 -28.12 -8.39 -5.60
C LYS A 159 -28.58 -8.55 -7.04
N ASN A 160 -29.02 -9.76 -7.41
CA ASN A 160 -29.50 -10.14 -8.74
C ASN A 160 -30.97 -9.78 -8.99
N ALA A 161 -31.67 -9.25 -7.94
CA ALA A 161 -33.08 -8.86 -8.03
C ALA A 161 -33.34 -7.95 -9.21
N MET A 162 -34.49 -8.15 -9.87
CA MET A 162 -34.95 -7.36 -11.02
C MET A 162 -35.17 -5.94 -10.54
N GLY A 163 -34.82 -5.01 -11.42
CA GLY A 163 -34.90 -3.55 -11.18
C GLY A 163 -36.27 -3.12 -10.75
N CYS A 164 -36.31 -2.15 -9.84
CA CYS A 164 -37.58 -1.63 -9.28
C CYS A 164 -38.02 -0.42 -10.09
N GLN A 165 -37.26 -0.04 -11.11
CA GLN A 165 -37.65 1.14 -11.92
C GLN A 165 -37.29 0.92 -13.39
N ILE A 166 -38.22 1.25 -14.26
CA ILE A 166 -38.10 1.14 -15.71
C ILE A 166 -37.10 2.16 -16.24
N LEU A 167 -36.17 1.77 -17.14
CA LEU A 167 -35.20 2.71 -17.73
C LEU A 167 -35.55 3.11 -19.18
N ALA B 1 -0.81 29.01 6.57
CA ALA B 1 -1.89 30.01 6.48
C ALA B 1 -2.91 29.63 5.38
N ALA B 2 -3.64 30.63 4.84
CA ALA B 2 -4.62 30.43 3.77
C ALA B 2 -3.88 30.05 2.49
N VAL B 3 -4.24 28.88 1.91
CA VAL B 3 -3.66 28.38 0.68
C VAL B 3 -4.24 29.16 -0.52
N ILE B 4 -3.37 29.86 -1.27
CA ILE B 4 -3.73 30.65 -2.48
C ILE B 4 -3.83 29.70 -3.66
N LEU B 5 -2.82 28.82 -3.80
CA LEU B 5 -2.69 27.87 -4.89
C LEU B 5 -2.18 26.55 -4.43
N GLU B 6 -2.69 25.50 -5.03
CA GLU B 6 -2.32 24.11 -4.79
C GLU B 6 -2.23 23.43 -6.17
N SER B 7 -1.06 22.90 -6.54
CA SER B 7 -0.90 22.24 -7.83
C SER B 7 0.09 21.10 -7.83
N ILE B 8 -0.08 20.16 -8.77
CA ILE B 8 0.88 19.08 -8.98
C ILE B 8 1.77 19.50 -10.12
N PHE B 9 3.05 19.63 -9.84
CA PHE B 9 4.00 19.99 -10.88
C PHE B 9 5.14 18.97 -11.00
N LEU B 10 5.95 19.13 -12.02
CA LEU B 10 7.19 18.39 -12.22
C LEU B 10 8.24 19.42 -11.91
N LYS B 11 9.11 19.15 -10.97
CA LYS B 11 10.16 20.13 -10.70
C LYS B 11 11.54 19.51 -11.00
N ARG B 12 12.52 20.36 -11.28
CA ARG B 12 13.87 19.89 -11.54
C ARG B 12 14.59 19.95 -10.22
N SER B 13 15.17 18.84 -9.79
CA SER B 13 15.86 18.81 -8.50
C SER B 13 17.19 19.59 -8.55
N GLN B 14 17.52 20.38 -7.49
CA GLN B 14 18.73 21.20 -7.40
C GLN B 14 19.98 20.32 -7.39
N LEU B 22 20.35 14.73 -14.64
CA LEU B 22 18.98 15.22 -14.80
C LEU B 22 17.97 14.47 -13.90
N ASN B 23 17.28 15.20 -13.00
CA ASN B 23 16.31 14.56 -12.11
C ASN B 23 15.05 15.44 -11.97
N PHE B 24 13.91 14.91 -12.42
CA PHE B 24 12.59 15.56 -12.41
C PHE B 24 11.64 14.83 -11.51
N LYS B 25 11.06 15.51 -10.53
CA LYS B 25 10.16 14.87 -9.58
C LYS B 25 8.79 15.50 -9.56
N LYS B 26 7.76 14.66 -9.53
CA LYS B 26 6.35 15.02 -9.45
C LYS B 26 6.03 15.34 -7.99
N ARG B 27 5.62 16.58 -7.70
CA ARG B 27 5.38 17.07 -6.36
C ARG B 27 4.17 17.95 -6.26
N LEU B 28 3.64 18.07 -5.01
CA LEU B 28 2.51 18.93 -4.69
C LEU B 28 3.09 20.28 -4.21
N PHE B 29 2.75 21.39 -4.91
CA PHE B 29 3.22 22.73 -4.50
C PHE B 29 2.07 23.51 -3.84
N LEU B 30 2.39 24.17 -2.74
CA LEU B 30 1.43 24.99 -2.01
C LEU B 30 1.97 26.41 -1.92
N LEU B 31 1.14 27.40 -2.29
CA LEU B 31 1.48 28.80 -2.16
C LEU B 31 0.55 29.50 -1.14
N THR B 32 1.16 30.12 -0.10
CA THR B 32 0.54 30.98 0.91
C THR B 32 1.24 32.35 0.76
N VAL B 33 0.74 33.40 1.46
CA VAL B 33 1.37 34.73 1.41
C VAL B 33 2.76 34.72 2.06
N HIS B 34 2.99 33.71 2.92
CA HIS B 34 4.23 33.52 3.66
C HIS B 34 5.26 32.63 3.00
N LYS B 35 4.83 31.45 2.47
CA LYS B 35 5.70 30.42 1.92
C LYS B 35 5.24 29.73 0.62
N LEU B 36 6.25 29.28 -0.16
CA LEU B 36 6.12 28.42 -1.31
C LEU B 36 6.67 27.10 -0.77
N SER B 37 5.85 26.08 -0.67
CA SER B 37 6.33 24.79 -0.16
C SER B 37 5.92 23.64 -1.07
N TYR B 38 6.69 22.55 -1.00
CA TYR B 38 6.50 21.41 -1.87
C TYR B 38 6.59 20.11 -1.11
N TYR B 39 5.81 19.11 -1.57
CA TYR B 39 5.60 17.83 -0.91
C TYR B 39 5.53 16.69 -1.84
N GLU B 40 5.79 15.50 -1.29
CA GLU B 40 5.51 14.27 -1.98
C GLU B 40 3.97 14.24 -2.01
N TYR B 41 3.41 13.74 -3.05
CA TYR B 41 1.97 13.63 -3.08
C TYR B 41 1.53 12.18 -2.81
N ASP B 42 0.48 12.03 -2.00
CA ASP B 42 -0.11 10.72 -1.68
C ASP B 42 -1.36 10.55 -2.55
N PHE B 43 -1.15 9.99 -3.73
CA PHE B 43 -2.21 9.79 -4.70
C PHE B 43 -3.41 9.00 -4.18
N GLU B 44 -3.16 7.83 -3.61
CA GLU B 44 -4.18 6.90 -3.10
C GLU B 44 -5.10 7.56 -2.07
N ARG B 45 -4.51 8.26 -1.07
CA ARG B 45 -5.29 8.92 -0.04
C ARG B 45 -5.79 10.29 -0.47
N GLY B 46 -5.22 10.86 -1.53
CA GLY B 46 -5.65 12.16 -2.05
C GLY B 46 -5.28 13.30 -1.13
N ARG B 47 -4.01 13.32 -0.70
CA ARG B 47 -3.51 14.34 0.21
C ARG B 47 -2.01 14.51 0.05
N ARG B 48 -1.47 15.61 0.59
CA ARG B 48 -0.03 15.84 0.57
C ARG B 48 0.64 14.85 1.52
N GLY B 49 1.78 14.34 1.08
CA GLY B 49 2.60 13.42 1.86
C GLY B 49 3.60 14.24 2.68
N SER B 50 4.85 13.76 2.70
CA SER B 50 5.95 14.43 3.44
C SER B 50 6.35 15.74 2.79
N LYS B 51 6.61 16.76 3.61
CA LYS B 51 7.13 18.04 3.16
C LYS B 51 8.55 17.78 2.70
N LYS B 52 8.90 18.24 1.49
CA LYS B 52 10.25 18.06 0.97
C LYS B 52 11.06 19.36 1.10
N GLY B 53 10.37 20.50 1.16
CA GLY B 53 11.05 21.78 1.30
C GLY B 53 10.14 22.98 1.17
N SER B 54 10.71 24.17 1.39
CA SER B 54 10.02 25.45 1.39
C SER B 54 10.94 26.63 1.04
N ILE B 55 10.36 27.71 0.51
CA ILE B 55 11.03 28.97 0.18
C ILE B 55 10.16 30.06 0.80
N ASP B 56 10.75 30.92 1.64
CA ASP B 56 10.02 32.04 2.25
C ASP B 56 9.74 33.02 1.13
N VAL B 57 8.49 33.43 0.98
CA VAL B 57 8.01 34.34 -0.06
C VAL B 57 8.86 35.63 -0.12
N GLU B 58 9.33 36.14 1.05
CA GLU B 58 10.18 37.33 1.18
C GLU B 58 11.54 37.17 0.48
N LYS B 59 12.08 35.92 0.39
CA LYS B 59 13.36 35.59 -0.28
C LYS B 59 13.29 35.52 -1.81
N ILE B 60 12.06 35.52 -2.42
CA ILE B 60 11.92 35.38 -3.88
C ILE B 60 12.20 36.72 -4.62
N THR B 61 13.27 36.76 -5.42
CA THR B 61 13.69 37.96 -6.17
C THR B 61 13.03 38.06 -7.53
N CYS B 62 12.60 36.91 -8.10
CA CYS B 62 12.07 36.88 -9.47
C CYS B 62 11.21 35.62 -9.70
N VAL B 63 10.18 35.77 -10.55
CA VAL B 63 9.29 34.70 -11.00
C VAL B 63 8.99 35.03 -12.46
N GLU B 64 9.33 34.12 -13.38
CA GLU B 64 9.11 34.29 -14.81
C GLU B 64 8.95 32.95 -15.48
N THR B 65 8.59 32.96 -16.76
CA THR B 65 8.55 31.79 -17.62
C THR B 65 10.01 31.47 -17.96
N VAL B 66 10.24 30.30 -18.57
CA VAL B 66 11.56 29.86 -19.03
C VAL B 66 11.32 29.53 -20.47
N VAL B 67 12.32 29.83 -21.33
CA VAL B 67 12.29 29.45 -22.75
C VAL B 67 12.27 27.90 -22.70
N PRO B 68 11.35 27.21 -23.40
CA PRO B 68 11.30 25.73 -23.26
C PRO B 68 12.52 24.98 -23.78
N GLU B 69 12.67 23.72 -23.35
CA GLU B 69 13.76 22.86 -23.81
C GLU B 69 13.63 22.69 -25.32
N LYS B 70 14.77 22.63 -26.02
CA LYS B 70 14.82 22.49 -27.47
C LYS B 70 14.10 21.18 -27.88
N ASN B 71 14.47 20.06 -27.21
CA ASN B 71 13.91 18.74 -27.47
C ASN B 71 13.54 18.06 -26.13
N PRO B 72 12.35 18.35 -25.58
CA PRO B 72 11.97 17.73 -24.30
C PRO B 72 11.56 16.27 -24.47
N PRO B 73 11.74 15.41 -23.44
CA PRO B 73 11.22 14.04 -23.51
C PRO B 73 9.66 14.05 -23.50
N PRO B 74 8.95 12.91 -23.78
CA PRO B 74 7.48 12.94 -23.82
C PRO B 74 6.77 13.54 -22.60
N GLU B 75 7.27 13.30 -21.37
CA GLU B 75 6.71 13.81 -20.10
C GLU B 75 6.58 15.35 -20.09
N ARG B 76 7.47 16.05 -20.86
CA ARG B 76 7.48 17.50 -20.93
C ARG B 76 7.16 18.02 -22.31
N GLN B 77 6.36 17.27 -23.08
CA GLN B 77 5.94 17.61 -24.45
C GLN B 77 4.44 17.94 -24.47
N ILE B 78 4.06 18.91 -25.34
CA ILE B 78 2.68 19.39 -25.51
C ILE B 78 1.73 18.30 -26.02
N GLU B 89 -8.71 17.62 -19.26
CA GLU B 89 -8.50 16.17 -19.28
C GLU B 89 -7.70 15.74 -18.06
N GLN B 90 -8.32 14.89 -17.25
CA GLN B 90 -7.90 14.40 -15.95
C GLN B 90 -6.51 13.75 -15.95
N ILE B 91 -6.24 12.88 -16.92
CA ILE B 91 -5.00 12.11 -17.00
C ILE B 91 -3.82 12.98 -17.39
N SER B 92 -3.96 13.70 -18.50
CA SER B 92 -2.89 14.54 -19.06
C SER B 92 -2.47 15.68 -18.12
N ILE B 93 -3.40 16.19 -17.33
CA ILE B 93 -3.10 17.28 -16.38
C ILE B 93 -2.20 16.80 -15.19
N ILE B 94 -2.01 15.47 -15.03
CA ILE B 94 -1.12 14.93 -14.02
C ILE B 94 0.01 14.07 -14.65
N GLU B 95 0.08 13.99 -15.98
CA GLU B 95 1.11 13.14 -16.64
C GLU B 95 2.04 13.93 -17.56
N ARG B 96 1.55 15.03 -18.14
CA ARG B 96 2.36 15.83 -19.06
C ARG B 96 2.52 17.23 -18.51
N PHE B 97 3.81 17.69 -18.45
CA PHE B 97 4.25 18.96 -17.84
C PHE B 97 5.11 19.78 -18.82
N PRO B 98 4.52 20.43 -19.83
CA PRO B 98 5.34 21.09 -20.87
C PRO B 98 5.72 22.52 -20.63
N TYR B 99 5.16 23.18 -19.62
CA TYR B 99 5.30 24.64 -19.51
C TYR B 99 6.13 25.08 -18.33
N PRO B 100 7.43 25.36 -18.55
CA PRO B 100 8.26 25.69 -17.40
C PRO B 100 8.21 27.14 -16.93
N PHE B 101 8.43 27.32 -15.62
CA PHE B 101 8.58 28.65 -15.06
C PHE B 101 9.69 28.56 -14.05
N GLN B 102 10.28 29.71 -13.69
CA GLN B 102 11.37 29.77 -12.71
C GLN B 102 11.03 30.61 -11.50
N VAL B 103 11.50 30.17 -10.35
CA VAL B 103 11.36 30.86 -9.08
C VAL B 103 12.82 31.14 -8.71
N VAL B 104 13.24 32.39 -8.92
CA VAL B 104 14.60 32.80 -8.66
C VAL B 104 14.67 33.26 -7.21
N TYR B 105 15.60 32.71 -6.44
CA TYR B 105 15.73 33.05 -5.04
C TYR B 105 17.18 32.99 -4.63
N ASP B 106 17.42 33.26 -3.32
CA ASP B 106 18.72 33.27 -2.66
C ASP B 106 19.69 32.21 -3.26
N GLU B 107 19.31 30.94 -3.21
CA GLU B 107 20.08 29.80 -3.70
C GLU B 107 19.79 29.45 -5.18
N GLY B 108 19.96 30.43 -6.08
CA GLY B 108 19.74 30.25 -7.52
C GLY B 108 18.31 30.00 -7.98
N PRO B 109 18.08 29.60 -9.26
CA PRO B 109 16.70 29.39 -9.72
C PRO B 109 16.13 27.98 -9.51
N LEU B 110 14.82 27.95 -9.25
CA LEU B 110 14.07 26.72 -9.10
C LEU B 110 13.23 26.58 -10.37
N TYR B 111 13.33 25.44 -11.05
CA TYR B 111 12.56 25.16 -12.26
C TYR B 111 11.43 24.22 -12.00
N VAL B 112 10.22 24.67 -12.37
CA VAL B 112 8.94 24.00 -12.15
C VAL B 112 8.25 23.92 -13.49
N PHE B 113 7.63 22.77 -13.78
CA PHE B 113 6.93 22.51 -15.01
C PHE B 113 5.45 22.30 -14.70
N SER B 114 4.62 23.09 -15.38
CA SER B 114 3.18 23.06 -15.26
C SER B 114 2.56 22.20 -16.35
N PRO B 115 1.40 21.55 -16.09
CA PRO B 115 0.74 20.78 -17.14
C PRO B 115 0.04 21.64 -18.21
N THR B 116 -0.32 22.88 -17.86
CA THR B 116 -1.02 23.78 -18.79
C THR B 116 -0.44 25.19 -18.74
N GLU B 117 -0.65 25.97 -19.83
CA GLU B 117 -0.25 27.38 -19.93
C GLU B 117 -1.04 28.25 -18.94
N GLU B 118 -2.34 27.94 -18.77
CA GLU B 118 -3.27 28.62 -17.87
C GLU B 118 -2.85 28.51 -16.42
N LEU B 119 -2.44 27.33 -15.99
CA LEU B 119 -1.95 27.12 -14.63
C LEU B 119 -0.63 27.80 -14.35
N ARG B 120 0.29 27.80 -15.33
CA ARG B 120 1.58 28.50 -15.18
C ARG B 120 1.31 30.01 -15.05
N LYS B 121 0.40 30.55 -15.89
CA LYS B 121 -0.01 31.95 -15.86
C LYS B 121 -0.58 32.26 -14.47
N ARG B 122 -1.48 31.40 -13.92
CA ARG B 122 -2.05 31.61 -12.58
C ARG B 122 -0.98 31.69 -11.54
N TRP B 123 -0.02 30.76 -11.58
CA TRP B 123 1.10 30.72 -10.62
C TRP B 123 2.01 31.92 -10.71
N ILE B 124 2.39 32.33 -11.93
CA ILE B 124 3.25 33.52 -12.14
C ILE B 124 2.54 34.79 -11.61
N HIS B 125 1.28 34.97 -12.00
CA HIS B 125 0.43 36.07 -11.57
C HIS B 125 0.38 36.18 -10.04
N GLN B 126 0.00 35.09 -9.38
CA GLN B 126 -0.08 35.06 -7.90
C GLN B 126 1.25 35.24 -7.24
N LEU B 127 2.30 34.58 -7.71
CA LEU B 127 3.64 34.72 -7.15
C LEU B 127 4.12 36.18 -7.25
N LYS B 128 3.99 36.81 -8.44
CA LYS B 128 4.33 38.23 -8.66
C LYS B 128 3.58 39.18 -7.69
N ASN B 129 2.29 38.88 -7.40
CA ASN B 129 1.43 39.62 -6.47
C ASN B 129 1.80 39.42 -5.01
N VAL B 130 2.36 38.23 -4.62
CA VAL B 130 2.76 37.96 -3.23
C VAL B 130 4.17 38.47 -2.97
N ILE B 131 4.97 38.64 -4.00
CA ILE B 131 6.33 39.14 -3.83
C ILE B 131 6.30 40.66 -4.17
N ARG B 132 5.08 41.19 -4.50
CA ARG B 132 4.81 42.56 -4.94
C ARG B 132 5.59 43.63 -4.16
N TYR B 133 5.67 43.47 -2.84
CA TYR B 133 6.34 44.41 -1.97
C TYR B 133 7.65 43.87 -1.36
N ASN B 134 8.30 42.92 -2.04
CA ASN B 134 9.60 42.39 -1.62
C ASN B 134 10.71 43.40 -1.87
N SER B 135 11.82 43.26 -1.14
CA SER B 135 12.94 44.16 -1.21
C SER B 135 13.92 43.88 -2.36
N ASP B 136 14.50 42.68 -2.38
CA ASP B 136 15.54 42.26 -3.33
C ASP B 136 15.07 41.93 -4.77
N LEU B 137 13.85 42.39 -5.14
CA LEU B 137 13.28 42.15 -6.48
C LEU B 137 14.22 42.66 -7.57
N VAL B 138 14.79 41.72 -8.35
CA VAL B 138 15.71 42.02 -9.47
C VAL B 138 14.92 42.47 -10.68
N GLN B 139 15.56 43.24 -11.58
CA GLN B 139 14.92 43.76 -12.80
C GLN B 139 15.46 43.06 -14.02
N LYS B 140 16.43 42.19 -13.78
CA LYS B 140 17.08 41.41 -14.85
C LYS B 140 16.95 39.92 -14.52
N TYR B 141 16.91 39.07 -15.54
CA TYR B 141 16.77 37.62 -15.29
C TYR B 141 17.28 36.83 -16.50
N HIS B 142 17.43 35.52 -16.33
CA HIS B 142 17.88 34.59 -17.39
C HIS B 142 16.65 33.95 -18.02
N PRO B 143 16.36 34.24 -19.30
CA PRO B 143 15.20 33.68 -19.97
C PRO B 143 15.33 32.18 -20.23
N ALA B 144 16.55 31.68 -20.33
CA ALA B 144 16.79 30.26 -20.61
C ALA B 144 17.22 29.53 -19.36
N PHE B 145 17.23 28.20 -19.44
CA PHE B 145 17.63 27.31 -18.32
C PHE B 145 19.12 27.37 -17.98
N TRP B 146 19.46 27.17 -16.69
CA TRP B 146 20.81 26.95 -16.22
C TRP B 146 20.92 25.44 -16.40
N ILE B 147 21.84 24.96 -17.25
CA ILE B 147 21.98 23.52 -17.50
C ILE B 147 23.43 23.18 -17.82
N ASP B 148 23.95 22.16 -17.11
CA ASP B 148 25.31 21.63 -17.21
C ASP B 148 26.38 22.73 -17.08
N GLY B 149 26.39 23.35 -15.91
CA GLY B 149 27.33 24.39 -15.52
C GLY B 149 27.19 25.76 -16.16
N GLN B 150 26.14 26.01 -16.96
CA GLN B 150 25.97 27.33 -17.58
C GLN B 150 24.52 27.67 -17.99
N TYR B 151 24.23 28.98 -18.11
CA TYR B 151 22.96 29.51 -18.60
C TYR B 151 22.93 29.42 -20.11
N LEU B 152 21.82 29.00 -20.68
CA LEU B 152 21.71 28.81 -22.14
C LEU B 152 21.54 30.15 -22.84
N CYS B 153 21.12 31.18 -22.11
CA CYS B 153 20.87 32.46 -22.80
C CYS B 153 22.14 33.28 -22.92
N CYS B 154 23.02 33.24 -21.91
CA CYS B 154 24.22 34.10 -21.90
C CYS B 154 25.48 33.35 -21.47
N SER B 155 25.52 32.03 -21.60
CA SER B 155 26.71 31.19 -21.28
C SER B 155 27.39 31.46 -19.93
N GLN B 156 26.86 32.33 -19.07
CA GLN B 156 27.45 32.64 -17.75
C GLN B 156 27.44 31.39 -16.88
N THR B 157 28.55 31.12 -16.20
CA THR B 157 28.79 29.90 -15.43
C THR B 157 28.66 30.03 -13.89
N ALA B 158 27.79 30.95 -13.42
CA ALA B 158 27.49 31.11 -12.01
C ALA B 158 25.97 31.20 -11.88
N LYS B 159 25.35 30.35 -11.03
CA LYS B 159 23.90 30.32 -10.82
C LYS B 159 23.39 31.68 -10.35
N ASN B 160 24.21 32.38 -9.55
CA ASN B 160 23.94 33.70 -8.97
C ASN B 160 24.20 34.87 -9.94
N ALA B 161 24.65 34.57 -11.15
CA ALA B 161 24.96 35.60 -12.17
C ALA B 161 23.82 36.59 -12.37
N MET B 162 24.15 37.84 -12.67
CA MET B 162 23.12 38.86 -12.91
C MET B 162 22.34 38.48 -14.17
N GLY B 163 21.03 38.71 -14.18
CA GLY B 163 20.19 38.40 -15.35
C GLY B 163 20.68 39.06 -16.61
N CYS B 164 20.57 38.39 -17.74
CA CYS B 164 21.09 38.94 -19.00
C CYS B 164 20.01 39.63 -19.82
N GLN B 165 18.79 39.78 -19.29
CA GLN B 165 17.68 40.44 -20.03
C GLN B 165 16.76 41.09 -19.01
N ILE B 166 16.07 42.16 -19.37
CA ILE B 166 15.17 42.84 -18.41
C ILE B 166 13.85 42.07 -18.28
N LEU B 167 13.28 42.07 -17.09
CA LEU B 167 12.00 41.42 -16.78
C LEU B 167 10.88 41.93 -17.68
N ALA C 1 26.38 2.69 -12.18
CA ALA C 1 25.65 3.87 -12.66
C ALA C 1 26.00 5.10 -11.78
N ALA C 2 25.13 6.13 -11.79
CA ALA C 2 25.30 7.34 -10.99
C ALA C 2 25.14 7.01 -9.49
N VAL C 3 26.17 7.34 -8.71
CA VAL C 3 26.23 7.09 -7.27
C VAL C 3 25.38 8.14 -6.56
N ILE C 4 24.32 7.70 -5.84
CA ILE C 4 23.43 8.55 -5.06
C ILE C 4 24.07 8.84 -3.71
N LEU C 5 24.61 7.76 -3.07
CA LEU C 5 25.24 7.85 -1.75
C LEU C 5 26.45 6.94 -1.67
N GLU C 6 27.45 7.41 -0.95
CA GLU C 6 28.71 6.76 -0.68
C GLU C 6 29.02 7.01 0.79
N SER C 7 29.14 5.93 1.59
CA SER C 7 29.45 6.07 3.01
C SER C 7 30.24 4.92 3.58
N ILE C 8 30.92 5.18 4.69
CA ILE C 8 31.63 4.17 5.46
C ILE C 8 30.72 3.76 6.62
N PHE C 9 30.35 2.48 6.62
CA PHE C 9 29.50 1.93 7.67
C PHE C 9 30.13 0.73 8.31
N LEU C 10 29.58 0.38 9.44
CA LEU C 10 29.91 -0.81 10.17
C LEU C 10 28.72 -1.69 9.85
N LYS C 11 28.96 -2.83 9.24
CA LYS C 11 27.84 -3.75 8.93
C LYS C 11 27.96 -5.04 9.73
N ARG C 12 26.83 -5.60 10.12
CA ARG C 12 26.80 -6.89 10.84
C ARG C 12 26.88 -7.99 9.79
N SER C 13 27.87 -8.86 9.90
CA SER C 13 28.10 -9.92 8.88
C SER C 13 26.99 -10.96 8.79
N GLN C 14 26.86 -11.59 7.63
CA GLN C 14 25.90 -12.71 7.50
C GLN C 14 26.44 -13.75 8.48
N GLN C 15 25.69 -14.04 9.54
CA GLN C 15 26.24 -14.96 10.57
C GLN C 15 26.54 -16.33 10.00
N LYS C 16 25.58 -16.92 9.26
CA LYS C 16 25.65 -18.31 8.72
C LYS C 16 25.83 -19.32 9.88
N LYS C 17 25.17 -19.05 11.01
CA LYS C 17 25.17 -19.81 12.28
C LYS C 17 24.28 -19.00 13.22
N LYS C 18 23.12 -19.53 13.60
CA LYS C 18 22.20 -18.78 14.50
C LYS C 18 22.89 -18.56 15.85
N THR C 19 23.57 -19.59 16.34
CA THR C 19 24.29 -19.60 17.65
C THR C 19 25.48 -18.65 17.69
N SER C 20 26.30 -18.64 16.64
CA SER C 20 27.58 -17.89 16.57
C SER C 20 27.47 -16.42 16.99
N PRO C 21 28.50 -15.86 17.67
CA PRO C 21 28.53 -14.44 18.06
C PRO C 21 28.64 -13.54 16.81
N LEU C 22 28.19 -12.29 16.92
CA LEU C 22 28.15 -11.40 15.75
C LEU C 22 29.55 -10.91 15.37
N ASN C 23 29.72 -10.63 14.08
CA ASN C 23 30.96 -10.07 13.51
C ASN C 23 30.58 -8.77 12.83
N PHE C 24 31.33 -7.70 13.09
CA PHE C 24 31.08 -6.38 12.52
C PHE C 24 32.27 -5.95 11.68
N LYS C 25 32.02 -5.59 10.44
CA LYS C 25 33.06 -5.18 9.50
C LYS C 25 32.82 -3.78 8.98
N LYS C 26 33.88 -2.97 8.93
CA LYS C 26 33.91 -1.60 8.43
C LYS C 26 34.03 -1.69 6.92
N ARG C 27 33.00 -1.17 6.20
CA ARG C 27 32.93 -1.26 4.74
C ARG C 27 32.43 0.04 4.11
N LEU C 28 32.73 0.21 2.81
CA LEU C 28 32.33 1.33 1.99
C LEU C 28 31.07 0.90 1.22
N PHE C 29 29.93 1.54 1.49
CA PHE C 29 28.67 1.25 0.81
C PHE C 29 28.38 2.28 -0.29
N LEU C 30 27.89 1.77 -1.41
CA LEU C 30 27.52 2.59 -2.57
C LEU C 30 26.07 2.30 -2.93
N LEU C 31 25.31 3.36 -3.11
CA LEU C 31 23.93 3.26 -3.54
C LEU C 31 23.77 3.89 -4.93
N THR C 32 23.15 3.16 -5.84
CA THR C 32 22.72 3.59 -7.17
C THR C 32 21.21 3.22 -7.21
N VAL C 33 20.48 3.64 -8.26
CA VAL C 33 19.06 3.29 -8.41
C VAL C 33 18.90 1.79 -8.63
N HIS C 34 19.99 1.12 -9.07
CA HIS C 34 19.95 -0.31 -9.39
C HIS C 34 20.55 -1.27 -8.37
N LYS C 35 21.55 -0.81 -7.62
CA LYS C 35 22.23 -1.66 -6.64
C LYS C 35 22.68 -0.96 -5.37
N LEU C 36 22.70 -1.75 -4.29
CA LEU C 36 23.30 -1.40 -3.01
C LEU C 36 24.51 -2.33 -2.97
N SER C 37 25.71 -1.77 -3.00
CA SER C 37 26.91 -2.60 -2.99
C SER C 37 27.91 -2.16 -1.94
N TYR C 38 28.71 -3.11 -1.43
CA TYR C 38 29.67 -2.83 -0.38
C TYR C 38 31.06 -3.35 -0.75
N TYR C 39 32.09 -2.68 -0.19
CA TYR C 39 33.51 -2.91 -0.51
C TYR C 39 34.36 -2.80 0.68
N GLU C 40 35.54 -3.42 0.56
CA GLU C 40 36.61 -3.21 1.51
C GLU C 40 37.05 -1.77 1.19
N TYR C 41 37.41 -1.01 2.19
CA TYR C 41 37.87 0.33 1.92
C TYR C 41 39.39 0.35 1.99
N ASP C 42 40.03 0.96 0.98
CA ASP C 42 41.50 1.14 0.89
C ASP C 42 41.82 2.56 1.45
N PHE C 43 41.96 2.67 2.76
CA PHE C 43 42.21 3.91 3.49
C PHE C 43 43.38 4.71 3.00
N GLU C 44 44.57 4.08 2.88
CA GLU C 44 45.81 4.73 2.45
C GLU C 44 45.69 5.38 1.09
N ARG C 45 45.07 4.68 0.12
CA ARG C 45 44.92 5.22 -1.23
C ARG C 45 43.68 6.12 -1.37
N GLY C 46 42.78 6.08 -0.38
CA GLY C 46 41.56 6.88 -0.36
C GLY C 46 40.57 6.51 -1.45
N ARG C 47 40.31 5.21 -1.60
CA ARG C 47 39.40 4.69 -2.61
C ARG C 47 38.82 3.36 -2.16
N ARG C 48 37.78 2.88 -2.88
CA ARG C 48 37.18 1.59 -2.58
C ARG C 48 38.15 0.49 -3.00
N GLY C 49 38.21 -0.56 -2.21
CA GLY C 49 39.02 -1.73 -2.52
C GLY C 49 38.19 -2.74 -3.29
N SER C 50 38.30 -4.01 -2.90
CA SER C 50 37.58 -5.12 -3.52
C SER C 50 36.09 -5.08 -3.20
N LYS C 51 35.24 -5.38 -4.19
CA LYS C 51 33.80 -5.49 -4.00
C LYS C 51 33.59 -6.75 -3.16
N LYS C 52 32.79 -6.63 -2.09
CA LYS C 52 32.50 -7.77 -1.23
C LYS C 52 31.11 -8.37 -1.50
N GLY C 53 30.20 -7.56 -2.02
CA GLY C 53 28.85 -7.98 -2.35
C GLY C 53 27.93 -6.90 -2.89
N SER C 54 26.70 -7.30 -3.20
CA SER C 54 25.67 -6.42 -3.73
C SER C 54 24.27 -6.97 -3.50
N ILE C 55 23.28 -6.06 -3.40
CA ILE C 55 21.85 -6.36 -3.29
C ILE C 55 21.20 -5.56 -4.41
N ASP C 56 20.43 -6.24 -5.28
CA ASP C 56 19.70 -5.60 -6.35
C ASP C 56 18.59 -4.81 -5.69
N VAL C 57 18.48 -3.53 -6.00
CA VAL C 57 17.50 -2.63 -5.40
C VAL C 57 16.06 -3.19 -5.52
N GLU C 58 15.75 -3.90 -6.65
CA GLU C 58 14.47 -4.54 -6.91
C GLU C 58 14.12 -5.64 -5.86
N LYS C 59 15.13 -6.30 -5.27
CA LYS C 59 14.95 -7.36 -4.25
C LYS C 59 14.62 -6.82 -2.83
N ILE C 60 14.79 -5.50 -2.60
CA ILE C 60 14.55 -4.87 -1.29
C ILE C 60 13.05 -4.67 -1.05
N THR C 61 12.55 -5.22 0.09
CA THR C 61 11.16 -5.17 0.51
C THR C 61 10.89 -4.07 1.54
N CYS C 62 11.92 -3.68 2.32
CA CYS C 62 11.79 -2.74 3.43
C CYS C 62 13.13 -2.12 3.83
N VAL C 63 13.09 -0.87 4.32
CA VAL C 63 14.22 -0.11 4.86
C VAL C 63 13.69 0.70 6.04
N GLU C 64 14.24 0.48 7.22
CA GLU C 64 13.82 1.18 8.44
C GLU C 64 14.96 1.26 9.43
N THR C 65 14.73 1.98 10.55
CA THR C 65 15.66 2.05 11.69
C THR C 65 15.51 0.71 12.43
N VAL C 66 16.47 0.41 13.32
CA VAL C 66 16.47 -0.77 14.19
C VAL C 66 16.56 -0.20 15.58
N VAL C 67 15.76 -0.74 16.54
CA VAL C 67 15.83 -0.37 17.96
C VAL C 67 17.32 -0.69 18.36
N PRO C 68 18.08 0.30 18.91
CA PRO C 68 19.51 0.04 19.19
C PRO C 68 19.80 -1.03 20.23
N GLU C 69 21.02 -1.60 20.21
CA GLU C 69 21.47 -2.60 21.18
C GLU C 69 21.31 -2.05 22.60
N LYS C 70 20.93 -2.93 23.52
CA LYS C 70 20.72 -2.58 24.93
C LYS C 70 22.02 -2.04 25.53
N ASN C 71 23.13 -2.79 25.34
CA ASN C 71 24.45 -2.38 25.82
C ASN C 71 25.52 -2.58 24.74
N PRO C 72 25.66 -1.58 23.83
CA PRO C 72 26.65 -1.71 22.76
C PRO C 72 28.09 -1.51 23.23
N PRO C 73 29.09 -2.13 22.56
CA PRO C 73 30.50 -1.84 22.90
C PRO C 73 30.86 -0.37 22.53
N PRO C 74 32.04 0.20 22.93
CA PRO C 74 32.34 1.62 22.60
C PRO C 74 32.22 2.03 21.13
N GLU C 75 32.61 1.12 20.18
CA GLU C 75 32.55 1.31 18.72
C GLU C 75 31.12 1.66 18.25
N ARG C 76 30.08 1.19 18.99
CA ARG C 76 28.69 1.45 18.63
C ARG C 76 27.95 2.24 19.69
N GLN C 77 28.69 3.10 20.45
CA GLN C 77 28.12 3.94 21.51
C GLN C 77 28.06 5.41 21.11
N ILE C 78 27.00 6.12 21.57
CA ILE C 78 26.75 7.54 21.30
C ILE C 78 27.84 8.46 21.87
N GLU C 89 32.92 15.87 13.11
CA GLU C 89 34.25 15.49 13.57
C GLU C 89 34.80 14.30 12.76
N GLN C 90 35.99 14.49 12.17
CA GLN C 90 36.68 13.60 11.23
C GLN C 90 36.93 12.19 11.78
N ILE C 91 37.41 12.09 13.01
CA ILE C 91 37.76 10.82 13.63
C ILE C 91 36.54 9.98 14.00
N SER C 92 35.58 10.59 14.73
CA SER C 92 34.40 9.92 15.23
C SER C 92 33.49 9.43 14.11
N ILE C 93 33.48 10.14 12.97
CA ILE C 93 32.64 9.78 11.83
C ILE C 93 33.17 8.49 11.13
N ILE C 94 34.39 8.02 11.46
CA ILE C 94 34.94 6.77 10.93
C ILE C 94 35.26 5.75 12.05
N GLU C 95 35.01 6.10 13.32
CA GLU C 95 35.33 5.20 14.45
C GLU C 95 34.12 4.79 15.26
N ARG C 96 33.10 5.66 15.37
CA ARG C 96 31.87 5.38 16.13
C ARG C 96 30.70 5.21 15.19
N PHE C 97 29.96 4.10 15.36
CA PHE C 97 28.82 3.74 14.51
C PHE C 97 27.62 3.39 15.41
N PRO C 98 26.95 4.39 16.01
CA PRO C 98 25.90 4.06 16.98
C PRO C 98 24.48 3.94 16.43
N TYR C 99 24.22 4.37 15.17
CA TYR C 99 22.87 4.44 14.60
C TYR C 99 22.56 3.34 13.56
N PRO C 100 21.87 2.27 14.02
CA PRO C 100 21.55 1.17 13.08
C PRO C 100 20.27 1.32 12.27
N PHE C 101 20.31 0.74 11.07
CA PHE C 101 19.16 0.68 10.20
C PHE C 101 19.19 -0.68 9.51
N GLN C 102 18.04 -1.13 8.99
CA GLN C 102 17.91 -2.44 8.34
C GLN C 102 17.51 -2.33 6.89
N VAL C 103 18.05 -3.21 6.07
CA VAL C 103 17.74 -3.35 4.66
C VAL C 103 17.20 -4.76 4.54
N VAL C 104 15.88 -4.88 4.37
CA VAL C 104 15.21 -6.20 4.33
C VAL C 104 15.04 -6.66 2.89
N TYR C 105 15.47 -7.87 2.60
CA TYR C 105 15.38 -8.41 1.25
C TYR C 105 15.05 -9.92 1.26
N ASP C 106 15.33 -10.59 0.14
CA ASP C 106 15.16 -12.01 -0.14
C ASP C 106 15.81 -12.87 0.99
N GLU C 107 17.13 -12.69 1.21
CA GLU C 107 17.90 -13.42 2.22
C GLU C 107 17.92 -12.71 3.59
N GLY C 108 16.72 -12.41 4.11
CA GLY C 108 16.50 -11.76 5.42
C GLY C 108 17.00 -10.34 5.56
N PRO C 109 17.12 -9.80 6.81
CA PRO C 109 17.58 -8.42 6.97
C PRO C 109 19.08 -8.22 7.04
N LEU C 110 19.53 -7.10 6.49
CA LEU C 110 20.92 -6.66 6.54
C LEU C 110 20.96 -5.51 7.56
N TYR C 111 21.86 -5.60 8.54
CA TYR C 111 22.02 -4.56 9.56
C TYR C 111 23.23 -3.72 9.33
N VAL C 112 22.99 -2.39 9.20
CA VAL C 112 24.02 -1.39 8.90
C VAL C 112 24.04 -0.31 10.00
N PHE C 113 25.23 0.08 10.48
CA PHE C 113 25.44 1.07 11.55
C PHE C 113 26.11 2.28 10.98
N SER C 114 25.45 3.41 11.18
CA SER C 114 25.80 4.73 10.71
C SER C 114 26.50 5.49 11.80
N PRO C 115 27.50 6.34 11.43
CA PRO C 115 28.16 7.13 12.47
C PRO C 115 27.27 8.26 13.04
N THR C 116 26.35 8.80 12.24
CA THR C 116 25.48 9.90 12.67
C THR C 116 24.00 9.61 12.37
N GLU C 117 23.07 10.28 13.09
CA GLU C 117 21.62 10.19 12.88
C GLU C 117 21.24 10.79 11.55
N GLU C 118 21.92 11.91 11.16
CA GLU C 118 21.73 12.61 9.89
C GLU C 118 22.03 11.74 8.69
N LEU C 119 23.13 10.99 8.74
CA LEU C 119 23.52 10.10 7.64
C LEU C 119 22.60 8.91 7.50
N ARG C 120 22.15 8.32 8.64
CA ARG C 120 21.20 7.20 8.64
C ARG C 120 19.88 7.68 8.01
N LYS C 121 19.40 8.90 8.41
CA LYS C 121 18.21 9.54 7.86
C LYS C 121 18.37 9.71 6.33
N ARG C 122 19.54 10.21 5.86
CA ARG C 122 19.80 10.37 4.42
C ARG C 122 19.70 9.04 3.70
N TRP C 123 20.31 7.98 4.28
CA TRP C 123 20.29 6.65 3.68
C TRP C 123 18.91 6.03 3.63
N ILE C 124 18.13 6.15 4.71
CA ILE C 124 16.75 5.63 4.75
C ILE C 124 15.88 6.34 3.69
N HIS C 125 15.94 7.71 3.66
N HIS C 125 15.93 7.71 3.64
CA HIS C 125 15.21 8.59 2.74
CA HIS C 125 15.18 8.54 2.70
C HIS C 125 15.48 8.18 1.29
C HIS C 125 15.48 8.13 1.27
N GLN C 126 16.78 8.05 0.90
CA GLN C 126 17.21 7.64 -0.44
C GLN C 126 16.87 6.20 -0.75
N LEU C 127 17.02 5.27 0.23
CA LEU C 127 16.67 3.86 -0.02
C LEU C 127 15.18 3.67 -0.24
N LYS C 128 14.35 4.39 0.52
CA LYS C 128 12.89 4.34 0.40
C LYS C 128 12.44 4.81 -0.97
N ASN C 129 13.08 5.88 -1.50
CA ASN C 129 12.80 6.43 -2.83
C ASN C 129 13.22 5.49 -3.97
N VAL C 130 14.37 4.82 -3.88
CA VAL C 130 14.82 3.92 -4.94
C VAL C 130 14.04 2.58 -4.94
N ILE C 131 13.33 2.28 -3.85
CA ILE C 131 12.55 1.03 -3.76
C ILE C 131 11.05 1.29 -4.06
N ARG C 132 10.66 2.55 -4.25
CA ARG C 132 9.22 2.92 -4.28
C ARG C 132 8.40 2.06 -5.27
N TYR C 133 8.92 1.82 -6.47
CA TYR C 133 8.22 1.04 -7.50
C TYR C 133 8.40 -0.48 -7.42
N ASN C 134 8.95 -0.99 -6.30
CA ASN C 134 9.19 -2.43 -6.14
C ASN C 134 7.89 -3.19 -5.94
N SER C 135 7.92 -4.49 -6.23
CA SER C 135 6.77 -5.37 -6.14
C SER C 135 6.50 -5.90 -4.72
N ASP C 136 7.49 -6.61 -4.14
CA ASP C 136 7.41 -7.30 -2.84
C ASP C 136 7.47 -6.38 -1.59
N LEU C 137 7.23 -5.05 -1.75
CA LEU C 137 7.25 -4.09 -0.65
C LEU C 137 6.26 -4.49 0.44
N VAL C 138 6.80 -4.86 1.62
CA VAL C 138 6.02 -5.27 2.79
C VAL C 138 5.47 -4.03 3.50
N GLN C 139 4.36 -4.20 4.23
CA GLN C 139 3.71 -3.11 4.98
C GLN C 139 3.95 -3.27 6.47
N LYS C 140 4.63 -4.37 6.85
CA LYS C 140 4.99 -4.72 8.24
C LYS C 140 6.50 -4.94 8.36
N TYR C 141 7.02 -4.69 9.56
CA TYR C 141 8.47 -4.84 9.81
C TYR C 141 8.72 -5.23 11.27
N HIS C 142 9.93 -5.72 11.51
CA HIS C 142 10.41 -6.08 12.86
C HIS C 142 11.24 -4.91 13.38
N PRO C 143 10.80 -4.13 14.39
CA PRO C 143 11.56 -2.99 14.87
C PRO C 143 12.89 -3.36 15.52
N ALA C 144 13.00 -4.56 16.07
CA ALA C 144 14.23 -4.98 16.78
C ALA C 144 15.09 -5.91 15.92
N PHE C 145 16.32 -6.13 16.36
CA PHE C 145 17.28 -6.95 15.60
C PHE C 145 16.90 -8.41 15.68
N TRP C 146 17.34 -9.15 14.68
CA TRP C 146 17.21 -10.62 14.69
C TRP C 146 18.51 -11.06 15.32
N ILE C 147 18.49 -11.71 16.47
CA ILE C 147 19.78 -12.07 17.12
C ILE C 147 19.64 -13.37 17.90
N ASP C 148 20.63 -14.24 17.73
CA ASP C 148 20.71 -15.56 18.36
C ASP C 148 19.42 -16.39 18.12
N GLY C 149 19.14 -16.65 16.85
CA GLY C 149 18.01 -17.44 16.38
C GLY C 149 16.61 -16.86 16.48
N GLN C 150 16.47 -15.58 16.86
CA GLN C 150 15.10 -15.01 16.99
C GLN C 150 15.09 -13.47 16.96
N TYR C 151 13.93 -12.87 16.69
CA TYR C 151 13.74 -11.41 16.69
C TYR C 151 13.41 -10.94 18.10
N LEU C 152 14.04 -9.88 18.57
CA LEU C 152 13.80 -9.41 19.95
C LEU C 152 12.41 -8.82 20.11
N CYS C 153 11.82 -8.29 19.04
CA CYS C 153 10.52 -7.61 19.11
C CYS C 153 9.34 -8.59 19.17
N CYS C 154 9.48 -9.79 18.64
CA CYS C 154 8.27 -10.65 18.57
C CYS C 154 8.59 -12.11 18.88
N SER C 155 9.87 -12.44 19.04
CA SER C 155 10.39 -13.80 19.36
C SER C 155 10.21 -14.79 18.21
N GLN C 156 9.93 -14.32 17.00
CA GLN C 156 9.76 -15.25 15.86
C GLN C 156 11.13 -15.78 15.51
N THR C 157 11.21 -17.06 15.20
CA THR C 157 12.46 -17.76 14.91
C THR C 157 12.74 -18.07 13.42
N ALA C 158 12.22 -17.23 12.52
CA ALA C 158 12.47 -17.34 11.07
C ALA C 158 12.82 -15.94 10.58
N LYS C 159 13.98 -15.81 9.89
CA LYS C 159 14.46 -14.53 9.37
C LYS C 159 13.43 -13.91 8.41
N ASN C 160 12.72 -14.77 7.65
CA ASN C 160 11.70 -14.42 6.67
C ASN C 160 10.32 -14.13 7.29
N ALA C 161 10.16 -14.33 8.62
CA ALA C 161 8.90 -14.10 9.32
C ALA C 161 8.35 -12.70 9.03
N MET C 162 7.03 -12.59 8.88
CA MET C 162 6.31 -11.35 8.63
C MET C 162 6.52 -10.44 9.84
N GLY C 163 6.63 -9.14 9.56
CA GLY C 163 6.87 -8.11 10.58
C GLY C 163 5.83 -8.09 11.67
N CYS C 164 6.26 -7.78 12.89
CA CYS C 164 5.36 -7.75 14.06
C CYS C 164 4.73 -6.37 14.23
N GLN C 165 5.20 -5.36 13.50
CA GLN C 165 4.70 -3.98 13.63
C GLN C 165 4.38 -3.43 12.26
N ILE C 166 3.48 -2.47 12.17
CA ILE C 166 3.06 -1.80 10.92
C ILE C 166 3.86 -0.52 10.67
N LEU C 167 4.26 -0.31 9.40
CA LEU C 167 5.06 0.82 8.93
C LEU C 167 4.24 2.11 8.87
N ALA D 1 -13.24 -34.80 33.57
CA ALA D 1 -14.06 -33.96 34.44
C ALA D 1 -15.48 -33.76 33.86
N ALA D 2 -16.19 -32.70 34.31
CA ALA D 2 -17.53 -32.35 33.85
C ALA D 2 -17.47 -31.91 32.38
N VAL D 3 -18.25 -32.58 31.52
CA VAL D 3 -18.33 -32.33 30.09
C VAL D 3 -19.16 -31.07 29.86
N ILE D 4 -18.56 -30.03 29.24
CA ILE D 4 -19.21 -28.75 28.89
C ILE D 4 -19.95 -28.95 27.56
N LEU D 5 -19.27 -29.57 26.56
CA LEU D 5 -19.83 -29.81 25.23
C LEU D 5 -19.43 -31.17 24.68
N GLU D 6 -20.33 -31.78 23.92
CA GLU D 6 -20.16 -33.06 23.24
C GLU D 6 -20.77 -32.89 21.85
N SER D 7 -19.97 -33.10 20.80
CA SER D 7 -20.45 -32.94 19.44
C SER D 7 -19.75 -33.83 18.44
N ILE D 8 -20.46 -34.23 17.36
CA ILE D 8 -19.86 -34.97 16.25
C ILE D 8 -19.41 -33.94 15.24
N PHE D 9 -18.11 -33.95 14.97
CA PHE D 9 -17.57 -32.98 14.04
C PHE D 9 -16.75 -33.63 12.97
N LEU D 10 -16.48 -32.90 11.90
CA LEU D 10 -15.56 -33.39 10.89
C LEU D 10 -14.25 -32.65 11.09
N LYS D 11 -13.15 -33.35 11.31
CA LYS D 11 -11.93 -32.63 11.54
C LYS D 11 -10.88 -32.90 10.47
N ARG D 12 -10.03 -31.90 10.19
CA ARG D 12 -8.98 -32.05 9.21
C ARG D 12 -7.78 -32.62 9.95
N SER D 13 -7.24 -33.73 9.46
CA SER D 13 -6.10 -34.36 10.14
C SER D 13 -4.78 -33.52 9.96
N GLN D 14 -3.84 -33.60 10.91
CA GLN D 14 -2.57 -32.83 10.78
C GLN D 14 -1.40 -33.80 10.55
N ASN D 23 -7.06 -35.08 4.39
CA ASN D 23 -7.67 -36.18 5.12
C ASN D 23 -8.66 -35.61 6.18
N PHE D 24 -9.96 -35.93 6.01
CA PHE D 24 -11.03 -35.48 6.90
C PHE D 24 -11.68 -36.66 7.60
N LYS D 25 -11.79 -36.59 8.94
CA LYS D 25 -12.35 -37.67 9.73
C LYS D 25 -13.45 -37.20 10.64
N LYS D 26 -14.56 -37.99 10.68
CA LYS D 26 -15.73 -37.76 11.51
C LYS D 26 -15.42 -38.29 12.91
N ARG D 27 -15.47 -37.41 13.92
CA ARG D 27 -15.09 -37.76 15.28
C ARG D 27 -16.02 -37.13 16.32
N LEU D 28 -16.02 -37.73 17.51
CA LEU D 28 -16.76 -37.25 18.68
C LEU D 28 -15.80 -36.31 19.46
N PHE D 29 -16.20 -35.07 19.67
CA PHE D 29 -15.40 -34.09 20.38
C PHE D 29 -16.01 -33.81 21.75
N LEU D 30 -15.16 -33.75 22.79
CA LEU D 30 -15.54 -33.48 24.17
C LEU D 30 -14.76 -32.29 24.71
N LEU D 31 -15.49 -31.39 25.34
CA LEU D 31 -14.92 -30.22 25.98
C LEU D 31 -15.11 -30.31 27.49
N THR D 32 -14.02 -30.10 28.25
CA THR D 32 -13.98 -29.98 29.72
C THR D 32 -13.13 -28.70 29.97
N VAL D 33 -13.05 -28.22 31.22
CA VAL D 33 -12.23 -27.03 31.53
C VAL D 33 -10.74 -27.32 31.38
N HIS D 34 -10.35 -28.62 31.47
N HIS D 34 -10.37 -28.61 31.45
CA HIS D 34 -8.99 -29.14 31.44
CA HIS D 34 -8.99 -29.10 31.40
C HIS D 34 -8.51 -29.62 30.05
C HIS D 34 -8.52 -29.59 30.03
N LYS D 35 -9.43 -30.16 29.20
CA LYS D 35 -9.08 -30.71 27.89
C LYS D 35 -10.12 -30.63 26.79
N LEU D 36 -9.62 -30.55 25.55
CA LEU D 36 -10.39 -30.68 24.32
C LEU D 36 -9.94 -32.05 23.81
N SER D 37 -10.83 -33.04 23.80
CA SER D 37 -10.44 -34.35 23.33
C SER D 37 -11.39 -34.88 22.24
N TYR D 38 -10.88 -35.75 21.39
CA TYR D 38 -11.63 -36.29 20.27
C TYR D 38 -11.46 -37.78 20.21
N TYR D 39 -12.55 -38.48 19.83
CA TYR D 39 -12.67 -39.93 19.83
C TYR D 39 -13.30 -40.46 18.56
N GLU D 40 -13.06 -41.76 18.26
CA GLU D 40 -13.76 -42.46 17.20
C GLU D 40 -15.17 -42.57 17.79
N TYR D 41 -16.19 -42.50 16.96
CA TYR D 41 -17.52 -42.64 17.50
C TYR D 41 -18.06 -44.01 17.16
N ASP D 42 -18.71 -44.66 18.15
CA ASP D 42 -19.35 -45.97 17.98
C ASP D 42 -20.84 -45.74 17.74
N PHE D 43 -21.18 -45.59 16.46
CA PHE D 43 -22.55 -45.29 16.04
C PHE D 43 -23.58 -46.29 16.53
N GLU D 44 -23.32 -47.58 16.27
CA GLU D 44 -24.21 -48.68 16.63
C GLU D 44 -24.58 -48.69 18.11
N ARG D 45 -23.56 -48.59 18.99
CA ARG D 45 -23.81 -48.61 20.43
C ARG D 45 -24.19 -47.24 20.99
N GLY D 46 -23.97 -46.18 20.21
CA GLY D 46 -24.32 -44.83 20.64
C GLY D 46 -23.44 -44.31 21.76
N ARG D 47 -22.12 -44.48 21.62
CA ARG D 47 -21.14 -44.07 22.61
C ARG D 47 -19.82 -43.74 21.95
N ARG D 48 -18.92 -43.09 22.70
CA ARG D 48 -17.58 -42.80 22.19
C ARG D 48 -16.77 -44.09 22.17
N GLY D 49 -15.97 -44.23 21.13
CA GLY D 49 -15.09 -45.37 20.95
C GLY D 49 -13.72 -45.06 21.55
N SER D 50 -12.67 -45.40 20.80
CA SER D 50 -11.26 -45.19 21.20
C SER D 50 -10.88 -43.71 21.18
N LYS D 51 -10.12 -43.27 22.21
CA LYS D 51 -9.60 -41.90 22.26
C LYS D 51 -8.56 -41.78 21.16
N LYS D 52 -8.66 -40.72 20.34
CA LYS D 52 -7.71 -40.50 19.26
C LYS D 52 -6.67 -39.41 19.62
N GLY D 53 -7.02 -38.54 20.54
CA GLY D 53 -6.13 -37.47 20.97
C GLY D 53 -6.78 -36.41 21.82
N SER D 54 -5.95 -35.49 22.31
CA SER D 54 -6.37 -34.40 23.19
C SER D 54 -5.46 -33.18 23.10
N ILE D 55 -6.01 -32.01 23.44
CA ILE D 55 -5.29 -30.73 23.55
C ILE D 55 -5.59 -30.20 24.93
N ASP D 56 -4.54 -29.86 25.71
CA ASP D 56 -4.72 -29.29 27.03
C ASP D 56 -5.22 -27.88 26.83
N VAL D 57 -6.33 -27.52 27.48
CA VAL D 57 -6.97 -26.22 27.36
C VAL D 57 -5.97 -25.05 27.59
N GLU D 58 -5.00 -25.23 28.50
CA GLU D 58 -3.95 -24.26 28.82
C GLU D 58 -3.02 -23.94 27.63
N LYS D 59 -2.83 -24.91 26.70
CA LYS D 59 -2.01 -24.79 25.49
C LYS D 59 -2.70 -24.00 24.35
N ILE D 60 -4.02 -23.74 24.45
CA ILE D 60 -4.79 -23.02 23.42
C ILE D 60 -4.57 -21.53 23.51
N THR D 61 -4.11 -20.94 22.39
CA THR D 61 -3.81 -19.51 22.25
C THR D 61 -4.94 -18.72 21.57
N CYS D 62 -5.78 -19.40 20.75
CA CYS D 62 -6.79 -18.75 19.93
C CYS D 62 -7.86 -19.73 19.48
N VAL D 63 -9.11 -19.24 19.39
CA VAL D 63 -10.29 -19.96 18.88
C VAL D 63 -11.08 -18.95 18.07
N GLU D 64 -11.27 -19.22 16.78
CA GLU D 64 -11.99 -18.35 15.86
C GLU D 64 -12.60 -19.16 14.73
N THR D 65 -13.41 -18.49 13.88
CA THR D 65 -13.97 -19.07 12.66
C THR D 65 -12.82 -19.10 11.63
N VAL D 66 -13.04 -19.82 10.52
CA VAL D 66 -12.08 -19.89 9.40
C VAL D 66 -12.86 -19.47 8.18
N VAL D 67 -12.19 -18.76 7.23
CA VAL D 67 -12.74 -18.39 5.93
C VAL D 67 -13.07 -19.75 5.26
N PRO D 68 -14.32 -20.00 4.81
CA PRO D 68 -14.64 -21.32 4.21
C PRO D 68 -13.92 -21.63 2.90
N GLU D 69 -13.82 -22.92 2.55
CA GLU D 69 -13.19 -23.34 1.28
C GLU D 69 -13.94 -22.69 0.11
N LYS D 70 -13.19 -22.32 -0.94
CA LYS D 70 -13.76 -21.67 -2.12
C LYS D 70 -14.80 -22.61 -2.77
N ASN D 71 -14.41 -23.89 -3.01
CA ASN D 71 -15.30 -24.90 -3.57
C ASN D 71 -15.23 -26.22 -2.77
N PRO D 72 -16.01 -26.31 -1.67
CA PRO D 72 -15.97 -27.54 -0.85
C PRO D 72 -16.69 -28.72 -1.48
N PRO D 73 -16.31 -29.98 -1.14
CA PRO D 73 -17.07 -31.15 -1.62
C PRO D 73 -18.49 -31.18 -0.98
N PRO D 74 -19.46 -32.06 -1.43
CA PRO D 74 -20.82 -32.01 -0.83
C PRO D 74 -20.92 -32.12 0.69
N GLU D 75 -20.04 -32.94 1.31
CA GLU D 75 -19.94 -33.16 2.76
C GLU D 75 -19.72 -31.84 3.54
N ARG D 76 -19.09 -30.83 2.90
CA ARG D 76 -18.82 -29.55 3.53
C ARG D 76 -19.53 -28.38 2.83
N GLN D 77 -20.67 -28.66 2.18
CA GLN D 77 -21.48 -27.67 1.45
C GLN D 77 -22.75 -27.32 2.19
N ILE D 78 -23.20 -26.04 2.05
CA ILE D 78 -24.45 -25.51 2.61
C ILE D 78 -25.63 -25.94 1.72
N GLU D 89 -32.43 -31.07 10.62
CA GLU D 89 -32.67 -32.51 10.41
C GLU D 89 -31.61 -33.42 11.10
N GLN D 90 -32.09 -34.57 11.61
CA GLN D 90 -31.31 -35.62 12.24
C GLN D 90 -30.18 -36.12 11.33
N ILE D 91 -30.47 -36.27 10.01
CA ILE D 91 -29.52 -36.79 9.03
C ILE D 91 -28.44 -35.79 8.70
N SER D 92 -28.82 -34.56 8.31
CA SER D 92 -27.91 -33.51 7.88
C SER D 92 -26.96 -33.06 8.98
N ILE D 93 -27.39 -33.14 10.25
CA ILE D 93 -26.58 -32.73 11.39
C ILE D 93 -25.40 -33.74 11.63
N ILE D 94 -25.42 -34.91 10.95
CA ILE D 94 -24.33 -35.90 11.04
C ILE D 94 -23.73 -36.23 9.67
N GLU D 95 -24.20 -35.56 8.59
CA GLU D 95 -23.68 -35.81 7.24
C GLU D 95 -23.05 -34.59 6.59
N ARG D 96 -23.56 -33.37 6.90
CA ARG D 96 -23.08 -32.10 6.35
C ARG D 96 -22.38 -31.29 7.40
N PHE D 97 -21.17 -30.83 7.08
CA PHE D 97 -20.24 -30.10 7.93
C PHE D 97 -19.65 -28.89 7.19
N PRO D 98 -20.43 -27.80 7.01
CA PRO D 98 -19.90 -26.65 6.23
C PRO D 98 -19.25 -25.50 7.02
N TYR D 99 -19.23 -25.56 8.36
CA TYR D 99 -18.77 -24.43 9.16
C TYR D 99 -17.51 -24.71 9.93
N PRO D 100 -16.38 -24.26 9.36
CA PRO D 100 -15.12 -24.51 10.02
C PRO D 100 -14.79 -23.47 11.09
N PHE D 101 -14.06 -23.94 12.12
CA PHE D 101 -13.50 -23.07 13.14
C PHE D 101 -12.14 -23.61 13.41
N GLN D 102 -11.26 -22.79 13.98
CA GLN D 102 -9.87 -23.17 14.29
C GLN D 102 -9.60 -23.11 15.77
N VAL D 103 -8.80 -24.05 16.23
CA VAL D 103 -8.31 -24.16 17.59
C VAL D 103 -6.80 -24.05 17.43
N VAL D 104 -6.24 -22.90 17.81
CA VAL D 104 -4.81 -22.64 17.62
C VAL D 104 -4.07 -22.95 18.92
N TYR D 105 -3.00 -23.74 18.81
CA TYR D 105 -2.22 -24.14 19.98
C TYR D 105 -0.71 -24.22 19.65
N ASP D 106 0.05 -24.97 20.49
CA ASP D 106 1.49 -25.25 20.43
C ASP D 106 1.86 -25.79 19.03
N GLU D 107 1.24 -26.91 18.61
CA GLU D 107 1.50 -27.56 17.32
C GLU D 107 0.57 -27.05 16.19
N GLY D 108 0.56 -25.72 16.00
CA GLY D 108 -0.22 -25.07 14.95
C GLY D 108 -1.73 -25.12 15.08
N PRO D 109 -2.45 -24.83 13.99
CA PRO D 109 -3.93 -24.82 14.05
C PRO D 109 -4.61 -26.16 13.85
N LEU D 110 -5.74 -26.36 14.56
CA LEU D 110 -6.61 -27.52 14.40
C LEU D 110 -7.89 -27.03 13.72
N TYR D 111 -8.26 -27.66 12.59
CA TYR D 111 -9.44 -27.27 11.86
C TYR D 111 -10.58 -28.25 12.07
N VAL D 112 -11.71 -27.69 12.50
CA VAL D 112 -12.89 -28.48 12.83
C VAL D 112 -14.11 -27.94 12.12
N PHE D 113 -14.86 -28.84 11.50
CA PHE D 113 -16.06 -28.51 10.74
C PHE D 113 -17.30 -28.89 11.49
N SER D 114 -18.15 -27.90 11.74
CA SER D 114 -19.43 -27.97 12.46
C SER D 114 -20.63 -28.21 11.52
N PRO D 115 -21.64 -29.01 11.92
CA PRO D 115 -22.79 -29.22 11.03
C PRO D 115 -23.62 -27.94 10.85
N THR D 116 -23.72 -27.10 11.91
CA THR D 116 -24.49 -25.86 11.91
C THR D 116 -23.67 -24.66 12.40
N GLU D 117 -24.11 -23.44 12.02
CA GLU D 117 -23.57 -22.14 12.43
C GLU D 117 -23.77 -21.95 13.93
N GLU D 118 -24.91 -22.45 14.41
CA GLU D 118 -25.43 -22.41 15.78
C GLU D 118 -24.52 -23.16 16.75
N LEU D 119 -24.07 -24.34 16.35
CA LEU D 119 -23.20 -25.20 17.14
C LEU D 119 -21.77 -24.69 17.14
N ARG D 120 -21.32 -24.11 16.01
CA ARG D 120 -19.98 -23.51 15.92
C ARG D 120 -19.92 -22.32 16.89
N LYS D 121 -20.97 -21.50 16.91
CA LYS D 121 -21.11 -20.36 17.81
C LYS D 121 -21.03 -20.84 19.27
N ARG D 122 -21.77 -21.91 19.63
CA ARG D 122 -21.73 -22.49 21.00
C ARG D 122 -20.33 -22.93 21.37
N TRP D 123 -19.63 -23.63 20.44
CA TRP D 123 -18.26 -24.11 20.66
C TRP D 123 -17.25 -23.00 20.81
N ILE D 124 -17.32 -21.96 19.97
CA ILE D 124 -16.43 -20.80 20.03
C ILE D 124 -16.63 -20.08 21.38
N HIS D 125 -17.89 -19.82 21.76
CA HIS D 125 -18.27 -19.19 23.02
C HIS D 125 -17.68 -19.94 24.22
N GLN D 126 -17.96 -21.24 24.32
CA GLN D 126 -17.45 -22.06 25.41
C GLN D 126 -15.94 -22.22 25.41
N LEU D 127 -15.31 -22.38 24.22
CA LEU D 127 -13.85 -22.49 24.14
C LEU D 127 -13.18 -21.18 24.59
N LYS D 128 -13.74 -20.01 24.18
CA LYS D 128 -13.22 -18.70 24.57
C LYS D 128 -13.28 -18.52 26.09
N ASN D 129 -14.35 -18.99 26.74
CA ASN D 129 -14.50 -18.93 28.20
C ASN D 129 -13.53 -19.84 28.96
N VAL D 130 -13.26 -21.06 28.47
CA VAL D 130 -12.33 -21.98 29.17
C VAL D 130 -10.87 -21.56 28.97
N ILE D 131 -10.60 -20.70 27.96
CA ILE D 131 -9.22 -20.25 27.69
C ILE D 131 -8.95 -18.85 28.28
N ARG D 132 -10.01 -18.17 28.79
CA ARG D 132 -10.04 -16.85 29.44
C ARG D 132 -8.72 -16.48 30.19
N TYR D 133 -8.30 -17.36 31.10
CA TYR D 133 -7.16 -17.17 31.98
C TYR D 133 -5.83 -17.71 31.45
N ASN D 134 -5.75 -18.05 30.16
CA ASN D 134 -4.50 -18.56 29.57
C ASN D 134 -3.48 -17.45 29.43
N SER D 135 -2.20 -17.84 29.40
CA SER D 135 -1.08 -16.91 29.29
C SER D 135 -0.78 -16.46 27.86
N ASP D 136 -0.50 -17.43 26.96
CA ASP D 136 -0.08 -17.23 25.57
C ASP D 136 -1.20 -16.81 24.60
N LEU D 137 -2.34 -16.28 25.10
CA LEU D 137 -3.45 -15.81 24.26
C LEU D 137 -2.98 -14.76 23.29
N VAL D 138 -2.99 -15.09 21.99
CA VAL D 138 -2.51 -14.22 20.91
C VAL D 138 -3.55 -13.18 20.56
N GLN D 139 -3.10 -12.03 20.01
CA GLN D 139 -3.94 -10.92 19.60
C GLN D 139 -4.08 -10.85 18.08
N LYS D 140 -3.33 -11.72 17.39
CA LYS D 140 -3.33 -11.85 15.93
C LYS D 140 -3.61 -13.31 15.56
N TYR D 141 -4.24 -13.55 14.40
CA TYR D 141 -4.54 -14.94 14.00
C TYR D 141 -4.59 -15.04 12.47
N HIS D 142 -4.72 -16.26 11.97
CA HIS D 142 -4.83 -16.51 10.50
C HIS D 142 -6.30 -16.82 10.18
N PRO D 143 -7.02 -15.93 9.46
CA PRO D 143 -8.43 -16.15 9.16
C PRO D 143 -8.73 -17.25 8.12
N ALA D 144 -7.71 -17.66 7.35
CA ALA D 144 -7.92 -18.67 6.34
C ALA D 144 -7.08 -19.90 6.63
N PHE D 145 -7.35 -20.99 5.89
CA PHE D 145 -6.70 -22.27 6.06
C PHE D 145 -5.25 -22.30 5.73
N TRP D 146 -4.47 -22.97 6.57
CA TRP D 146 -3.10 -23.30 6.26
C TRP D 146 -3.35 -24.46 5.34
N ILE D 147 -2.94 -24.36 4.07
CA ILE D 147 -3.20 -25.44 3.09
C ILE D 147 -2.06 -25.53 2.07
N ASP D 148 -1.55 -26.76 1.89
CA ASP D 148 -0.45 -27.10 0.99
C ASP D 148 0.80 -26.22 1.21
N GLY D 149 1.35 -26.34 2.41
CA GLY D 149 2.56 -25.64 2.84
C GLY D 149 2.50 -24.15 3.11
N GLN D 150 1.32 -23.53 3.01
CA GLN D 150 1.25 -22.06 3.27
C GLN D 150 -0.17 -21.63 3.65
N TYR D 151 -0.28 -20.53 4.38
CA TYR D 151 -1.59 -19.95 4.76
C TYR D 151 -2.18 -19.28 3.52
N LEU D 152 -3.47 -19.48 3.27
CA LEU D 152 -4.10 -18.86 2.08
C LEU D 152 -4.03 -17.34 2.20
N CYS D 153 -4.32 -16.84 3.41
CA CYS D 153 -4.41 -15.38 3.69
C CYS D 153 -3.08 -14.60 3.61
N CYS D 154 -1.97 -15.14 4.11
CA CYS D 154 -0.69 -14.36 4.12
C CYS D 154 0.46 -15.07 3.41
N SER D 155 0.21 -16.23 2.80
CA SER D 155 1.25 -17.01 2.07
C SER D 155 2.42 -17.42 2.98
N GLN D 156 2.39 -17.05 4.27
CA GLN D 156 3.46 -17.45 5.19
C GLN D 156 3.54 -18.97 5.25
N THR D 157 4.76 -19.52 5.19
CA THR D 157 5.02 -20.96 5.08
C THR D 157 5.48 -21.65 6.38
N ALA D 158 5.04 -21.16 7.53
CA ALA D 158 5.31 -21.75 8.83
C ALA D 158 3.98 -21.80 9.59
N LYS D 159 3.57 -23.00 10.06
CA LYS D 159 2.32 -23.18 10.80
C LYS D 159 2.28 -22.31 12.04
N ASN D 160 3.46 -22.11 12.69
CA ASN D 160 3.67 -21.31 13.90
C ASN D 160 3.76 -19.80 13.64
N ALA D 161 3.71 -19.39 12.35
CA ALA D 161 3.79 -17.98 11.97
C ALA D 161 2.76 -17.13 12.71
N MET D 162 3.18 -15.93 13.12
CA MET D 162 2.35 -14.95 13.82
C MET D 162 1.22 -14.57 12.89
N GLY D 163 0.06 -14.41 13.54
CA GLY D 163 -1.28 -14.06 13.02
C GLY D 163 -1.30 -13.10 11.85
N CYS D 164 -2.12 -13.44 10.87
CA CYS D 164 -2.36 -12.67 9.64
C CYS D 164 -3.05 -11.33 9.93
N GLN D 165 -4.09 -11.34 10.78
CA GLN D 165 -4.87 -10.12 11.10
C GLN D 165 -5.00 -9.98 12.62
N ILE D 166 -5.29 -8.78 13.11
CA ILE D 166 -5.39 -8.49 14.54
C ILE D 166 -6.69 -9.01 15.15
#